data_4WOG
#
_entry.id   4WOG
#
_cell.length_a   76.170
_cell.length_b   74.360
_cell.length_c   118.986
_cell.angle_alpha   90.000
_cell.angle_beta   96.570
_cell.angle_gamma   90.000
#
_symmetry.space_group_name_H-M   'I 1 2 1'
#
loop_
_entity.id
_entity.type
_entity.pdbx_description
1 polymer Frutalin
2 water water
#
_entity_poly.entity_id   1
_entity_poly.type   'polypeptide(L)'
_entity_poly.pdbx_seq_one_letter_code
;AEQSGKSQTVIVGPWGAQVSTSSNGKAFDDGAFTGIREINLSYNKETAIGDFQVIYDLNGSPFVGQNHTSFITGFTPVKI
SLDFPSEYIIEVSGHTGKVSGYVVVRSLAFKTNKKTYGPYGVTSGTPFNLPIENGLIVGFKGSIGYWLDYFSMYLSL
;
_entity_poly.pdbx_strand_id   A,B,C,D
#
# COMPACT_ATOMS: atom_id res chain seq x y z
N GLN A 3 1.93 1.99 -16.92
CA GLN A 3 2.06 2.70 -15.66
C GLN A 3 3.30 3.62 -15.67
N SER A 4 3.55 4.32 -14.57
CA SER A 4 4.58 5.36 -14.55
C SER A 4 6.01 4.85 -14.38
N GLY A 5 6.16 3.64 -13.86
CA GLY A 5 7.50 3.09 -13.61
C GLY A 5 8.08 3.53 -12.28
N LYS A 6 7.35 4.39 -11.56
CA LYS A 6 7.79 4.90 -10.26
C LYS A 6 6.76 4.56 -9.20
N SER A 7 7.21 4.18 -8.01
CA SER A 7 6.28 3.80 -6.95
C SER A 7 5.44 4.99 -6.50
N GLN A 8 4.24 4.72 -6.03
CA GLN A 8 3.37 5.79 -5.57
C GLN A 8 3.02 5.59 -4.10
N THR A 9 2.72 6.67 -3.40
CA THR A 9 2.35 6.55 -2.00
C THR A 9 1.28 7.58 -1.69
N VAL A 10 0.51 7.32 -0.65
CA VAL A 10 -0.50 8.27 -0.20
C VAL A 10 0.16 9.59 0.20
N ILE A 11 -0.39 10.71 -0.26
CA ILE A 11 0.09 12.01 0.17
C ILE A 11 -1.08 12.81 0.75
N VAL A 12 -0.92 13.34 1.97
CA VAL A 12 -1.94 14.22 2.54
C VAL A 12 -1.44 15.64 2.63
N GLY A 13 -2.36 16.59 2.51
CA GLY A 13 -2.00 18.00 2.39
C GLY A 13 -2.44 18.55 1.06
N PRO A 14 -2.02 19.78 0.74
CA PRO A 14 -1.13 20.58 1.57
C PRO A 14 -1.88 21.40 2.60
N TRP A 15 -1.16 21.74 3.66
CA TRP A 15 -1.61 22.75 4.62
C TRP A 15 -0.80 24.02 4.41
N GLY A 16 -1.47 25.17 4.37
CA GLY A 16 -0.78 26.40 4.06
C GLY A 16 -1.44 27.06 2.85
N ALA A 17 -0.65 27.80 2.08
CA ALA A 17 -1.20 28.53 0.93
C ALA A 17 -1.71 27.52 -0.08
N GLN A 18 -2.75 27.86 -0.82
CA GLN A 18 -3.37 26.84 -1.68
C GLN A 18 -2.91 26.97 -3.13
N VAL A 19 -1.85 26.22 -3.45
CA VAL A 19 -1.30 26.13 -4.80
C VAL A 19 -0.54 24.83 -4.98
N GLY A 25 7.15 31.08 -3.68
CA GLY A 25 8.28 30.39 -3.08
C GLY A 25 8.86 29.30 -3.96
N LYS A 26 9.90 28.64 -3.46
CA LYS A 26 10.52 27.53 -4.18
C LYS A 26 9.94 26.21 -3.71
N ALA A 27 9.37 25.43 -4.63
CA ALA A 27 8.81 24.14 -4.26
C ALA A 27 9.92 23.16 -3.93
N PHE A 28 9.64 22.26 -3.00
CA PHE A 28 10.55 21.16 -2.71
C PHE A 28 9.74 19.87 -2.60
N ASP A 29 10.41 18.74 -2.82
CA ASP A 29 9.75 17.44 -2.70
C ASP A 29 10.80 16.38 -2.42
N ASP A 30 10.86 15.94 -1.17
CA ASP A 30 11.87 14.96 -0.78
C ASP A 30 11.53 13.56 -1.31
N GLY A 31 10.25 13.30 -1.56
CA GLY A 31 9.80 11.99 -1.95
C GLY A 31 9.60 11.10 -0.72
N ALA A 32 9.49 9.79 -0.92
CA ALA A 32 9.18 8.90 0.19
C ALA A 32 10.34 8.00 0.60
N PHE A 33 10.41 7.68 1.89
CA PHE A 33 11.51 6.90 2.44
C PHE A 33 10.96 5.79 3.33
N THR A 34 11.81 5.26 4.23
CA THR A 34 11.46 4.14 5.11
C THR A 34 10.97 4.63 6.47
N GLY A 35 11.32 5.86 6.79
CA GLY A 35 11.00 6.43 8.09
C GLY A 35 11.75 7.74 8.33
N ILE A 36 11.65 8.26 9.55
CA ILE A 36 12.25 9.55 9.90
C ILE A 36 13.20 9.44 11.08
N ARG A 37 14.40 9.99 10.92
CA ARG A 37 15.39 9.99 12.00
C ARG A 37 15.55 11.35 12.67
N GLU A 38 15.46 12.42 11.89
CA GLU A 38 15.73 13.76 12.44
C GLU A 38 15.06 14.84 11.60
N ILE A 39 14.47 15.82 12.27
CA ILE A 39 13.96 16.99 11.57
C ILE A 39 14.70 18.22 12.04
N ASN A 40 15.24 18.98 11.10
CA ASN A 40 15.90 20.25 11.39
C ASN A 40 15.11 21.37 10.77
N LEU A 41 14.50 22.21 11.61
CA LEU A 41 13.74 23.32 11.08
C LEU A 41 14.16 24.59 11.78
N SER A 42 13.69 25.72 11.25
CA SER A 42 13.94 26.99 11.88
C SER A 42 12.64 27.78 11.92
N TYR A 43 12.54 28.69 12.88
CA TYR A 43 11.30 29.44 13.07
C TYR A 43 11.59 30.81 13.62
N ASN A 44 10.63 31.71 13.45
CA ASN A 44 10.74 33.04 14.03
C ASN A 44 9.45 33.28 14.80
N LYS A 45 9.56 33.73 16.04
CA LYS A 45 8.40 33.80 16.92
C LYS A 45 7.51 35.01 16.63
N GLU A 46 7.92 35.81 15.65
CA GLU A 46 7.14 36.95 15.19
C GLU A 46 6.41 36.63 13.88
N THR A 47 6.88 35.62 13.14
CA THR A 47 6.39 35.39 11.80
C THR A 47 5.90 33.96 11.58
N ALA A 48 6.81 33.06 11.20
CA ALA A 48 6.42 31.71 10.82
C ALA A 48 7.61 30.76 10.74
N ILE A 49 7.35 29.55 10.24
CA ILE A 49 8.39 28.58 9.96
C ILE A 49 9.26 29.02 8.79
N GLY A 50 10.57 28.80 8.91
CA GLY A 50 11.52 29.18 7.88
C GLY A 50 12.10 27.99 7.14
N ASP A 51 13.24 27.53 7.60
CA ASP A 51 13.97 26.45 6.94
C ASP A 51 13.43 25.08 7.32
N PHE A 52 13.63 24.08 6.46
CA PHE A 52 13.13 22.75 6.74
C PHE A 52 14.03 21.72 6.09
N GLN A 53 14.45 20.73 6.87
CA GLN A 53 15.36 19.70 6.37
C GLN A 53 15.15 18.43 7.20
N VAL A 54 15.27 17.28 6.55
CA VAL A 54 14.97 16.02 7.19
C VAL A 54 16.06 14.98 6.92
N ILE A 55 16.49 14.30 7.98
CA ILE A 55 17.27 13.07 7.83
C ILE A 55 16.30 11.91 7.92
N TYR A 56 16.14 11.23 6.80
CA TYR A 56 15.24 10.09 6.70
C TYR A 56 15.92 8.80 7.08
N ASP A 57 15.13 7.77 7.34
CA ASP A 57 15.71 6.44 7.26
C ASP A 57 15.48 5.91 5.86
N LEU A 58 16.49 5.25 5.32
CA LEU A 58 16.33 4.53 4.05
C LEU A 58 16.86 3.13 4.26
N ASN A 59 15.96 2.20 4.48
CA ASN A 59 16.30 0.79 4.65
C ASN A 59 17.38 0.56 5.71
N GLY A 60 17.24 1.27 6.82
CA GLY A 60 18.11 1.05 7.97
C GLY A 60 19.36 1.90 8.02
N SER A 61 19.56 2.75 7.00
CA SER A 61 20.67 3.70 7.02
C SER A 61 20.11 5.11 6.91
N PRO A 62 20.82 6.10 7.47
CA PRO A 62 20.30 7.47 7.32
C PRO A 62 20.40 7.95 5.87
N PHE A 63 19.41 8.72 5.44
CA PHE A 63 19.52 9.45 4.19
C PHE A 63 19.29 10.92 4.49
N VAL A 64 20.29 11.75 4.18
CA VAL A 64 20.23 13.16 4.49
C VAL A 64 19.51 13.93 3.38
N GLY A 65 18.33 14.45 3.71
CA GLY A 65 17.56 15.22 2.75
C GLY A 65 18.15 16.59 2.49
N GLN A 66 17.79 17.17 1.35
CA GLN A 66 18.28 18.49 0.98
C GLN A 66 17.83 19.53 1.99
N ASN A 67 18.68 20.52 2.26
CA ASN A 67 18.30 21.61 3.12
C ASN A 67 17.42 22.59 2.35
N HIS A 68 16.14 22.69 2.74
CA HIS A 68 15.25 23.64 2.08
C HIS A 68 15.25 24.92 2.88
N THR A 69 15.67 26.01 2.25
CA THR A 69 15.95 27.23 3.00
C THR A 69 15.05 28.39 2.64
N SER A 70 14.68 29.16 3.66
CA SER A 70 14.01 30.44 3.44
C SER A 70 14.89 31.40 2.64
N PHE A 71 14.26 32.36 1.96
CA PHE A 71 15.00 33.38 1.22
C PHE A 71 15.64 34.41 2.18
N ILE A 72 15.18 34.44 3.42
CA ILE A 72 15.71 35.40 4.39
C ILE A 72 16.30 34.67 5.59
N THR A 73 16.94 35.41 6.48
CA THR A 73 17.49 34.83 7.70
C THR A 73 16.75 35.38 8.93
N GLY A 74 17.38 35.25 10.10
CA GLY A 74 16.78 35.72 11.34
C GLY A 74 16.02 34.65 12.12
N PHE A 75 16.05 33.42 11.62
CA PHE A 75 15.32 32.31 12.23
C PHE A 75 16.11 31.58 13.33
N THR A 76 15.37 30.92 14.21
CA THR A 76 15.97 30.12 15.27
C THR A 76 15.92 28.66 14.85
N PRO A 77 17.08 28.00 14.75
CA PRO A 77 17.06 26.59 14.36
C PRO A 77 16.76 25.67 15.53
N VAL A 78 16.10 24.55 15.25
CA VAL A 78 15.91 23.51 16.25
C VAL A 78 16.15 22.17 15.60
N LYS A 79 16.72 21.26 16.37
CA LYS A 79 17.00 19.91 15.91
C LYS A 79 16.10 18.95 16.65
N ILE A 80 15.28 18.21 15.91
CA ILE A 80 14.41 17.19 16.50
C ILE A 80 14.95 15.81 16.17
N SER A 81 15.66 15.22 17.13
CA SER A 81 16.36 13.95 16.90
C SER A 81 15.56 12.79 17.47
N LEU A 82 14.95 12.00 16.60
CA LEU A 82 14.11 10.89 17.05
C LEU A 82 14.92 9.62 17.30
N ASP A 83 14.50 8.85 18.30
CA ASP A 83 15.09 7.55 18.61
C ASP A 83 14.49 6.52 17.66
N PHE A 84 14.76 6.69 16.37
CA PHE A 84 14.30 5.77 15.33
C PHE A 84 14.92 4.41 15.56
N PRO A 85 14.14 3.33 15.40
CA PRO A 85 12.74 3.27 14.97
C PRO A 85 11.75 3.14 16.13
N SER A 86 12.20 3.03 17.37
CA SER A 86 11.26 2.86 18.47
C SER A 86 10.41 4.12 18.68
N GLU A 87 10.98 5.27 18.37
CA GLU A 87 10.25 6.53 18.41
C GLU A 87 9.85 6.99 17.01
N TYR A 88 8.57 7.31 16.84
CA TYR A 88 8.07 7.77 15.55
C TYR A 88 6.89 8.73 15.74
N ILE A 89 6.70 9.58 14.75
CA ILE A 89 5.67 10.59 14.81
C ILE A 89 4.27 9.98 14.76
N ILE A 90 3.40 10.39 15.67
CA ILE A 90 2.03 9.92 15.67
C ILE A 90 1.01 11.03 15.42
N GLU A 91 1.47 12.28 15.46
CA GLU A 91 0.58 13.40 15.11
C GLU A 91 1.38 14.63 14.76
N VAL A 92 0.95 15.32 13.71
CA VAL A 92 1.57 16.57 13.31
C VAL A 92 0.50 17.65 13.40
N SER A 93 0.84 18.78 14.01
CA SER A 93 -0.15 19.84 14.17
C SER A 93 0.52 21.18 13.95
N GLY A 94 -0.28 22.23 13.87
CA GLY A 94 0.27 23.56 13.71
C GLY A 94 -0.78 24.58 13.38
N HIS A 95 -0.34 25.70 12.82
CA HIS A 95 -1.21 26.81 12.48
C HIS A 95 -0.85 27.37 11.11
N THR A 96 -1.85 27.82 10.37
CA THR A 96 -1.59 28.58 9.16
C THR A 96 -2.28 29.94 9.28
N GLY A 97 -1.72 30.92 8.60
CA GLY A 97 -2.26 32.26 8.67
C GLY A 97 -1.42 33.20 7.85
N LYS A 98 -1.84 34.46 7.76
CA LYS A 98 -1.16 35.40 6.90
C LYS A 98 0.03 36.08 7.57
N VAL A 99 1.13 36.15 6.83
CA VAL A 99 2.27 36.95 7.21
C VAL A 99 2.62 37.84 6.02
N SER A 100 2.66 39.16 6.26
CA SER A 100 2.84 40.14 5.18
C SER A 100 1.97 39.83 3.96
N GLY A 101 0.74 39.41 4.21
CA GLY A 101 -0.20 39.17 3.13
C GLY A 101 -0.19 37.77 2.56
N TYR A 102 0.84 36.98 2.90
CA TYR A 102 0.98 35.60 2.42
C TYR A 102 0.46 34.57 3.42
N VAL A 103 -0.31 33.60 2.93
CA VAL A 103 -0.71 32.47 3.75
C VAL A 103 0.48 31.54 3.91
N VAL A 104 0.87 31.28 5.15
CA VAL A 104 2.05 30.46 5.45
C VAL A 104 1.80 29.55 6.63
N VAL A 105 2.71 28.60 6.81
CA VAL A 105 2.68 27.72 7.98
C VAL A 105 3.36 28.45 9.13
N ARG A 106 2.57 28.91 10.11
CA ARG A 106 3.09 29.76 11.16
C ARG A 106 3.72 28.96 12.29
N SER A 107 3.21 27.77 12.54
CA SER A 107 3.81 26.92 13.57
C SER A 107 3.66 25.44 13.24
N LEU A 108 4.56 24.66 13.84
CA LEU A 108 4.55 23.20 13.70
C LEU A 108 4.79 22.57 15.06
N ALA A 109 4.10 21.46 15.30
CA ALA A 109 4.38 20.60 16.46
C ALA A 109 4.39 19.15 16.00
N PHE A 110 5.32 18.39 16.54
CA PHE A 110 5.43 16.96 16.21
C PHE A 110 5.28 16.14 17.48
N LYS A 111 4.21 15.35 17.55
CA LYS A 111 4.01 14.45 18.68
C LYS A 111 4.44 13.03 18.28
N THR A 112 5.32 12.43 19.08
CA THR A 112 5.71 11.04 18.87
C THR A 112 5.08 10.17 19.94
N ASN A 113 5.35 8.86 19.87
CA ASN A 113 4.89 7.95 20.90
C ASN A 113 5.65 8.14 22.22
N LYS A 114 6.64 9.04 22.20
CA LYS A 114 7.47 9.31 23.37
C LYS A 114 7.28 10.71 23.99
N LYS A 115 7.11 11.73 23.15
CA LYS A 115 7.00 13.10 23.65
C LYS A 115 6.53 14.03 22.55
N THR A 116 6.40 15.32 22.90
CA THR A 116 5.97 16.33 21.95
C THR A 116 7.08 17.36 21.74
N TYR A 117 7.35 17.62 20.47
CA TYR A 117 8.34 18.60 20.06
C TYR A 117 7.61 19.83 19.53
N GLY A 118 7.83 20.96 20.19
CA GLY A 118 7.15 22.19 19.83
C GLY A 118 5.97 22.50 20.75
N PRO A 119 5.09 23.42 20.35
CA PRO A 119 5.03 24.11 19.06
C PRO A 119 6.18 25.09 18.83
N TYR A 120 6.62 25.17 17.58
CA TYR A 120 7.65 26.11 17.16
C TYR A 120 7.03 27.14 16.24
N GLY A 121 7.25 28.42 16.50
CA GLY A 121 6.72 29.45 15.62
C GLY A 121 5.67 30.28 16.31
N VAL A 122 4.68 30.71 15.54
CA VAL A 122 3.58 31.51 16.07
C VAL A 122 2.32 30.67 16.14
N THR A 123 1.76 30.52 17.34
CA THR A 123 0.57 29.67 17.50
C THR A 123 -0.69 30.49 17.34
N SER A 124 -0.84 31.11 16.18
CA SER A 124 -2.05 31.87 15.91
C SER A 124 -2.48 31.61 14.47
N GLY A 125 -3.76 31.79 14.20
CA GLY A 125 -4.28 31.53 12.87
C GLY A 125 -5.22 30.34 12.91
N THR A 126 -5.29 29.63 11.79
CA THR A 126 -6.16 28.46 11.68
C THR A 126 -5.39 27.22 12.09
N PRO A 127 -5.85 26.52 13.13
CA PRO A 127 -5.14 25.29 13.48
C PRO A 127 -5.39 24.15 12.50
N PHE A 128 -4.45 23.22 12.42
CA PHE A 128 -4.66 21.96 11.73
C PHE A 128 -4.00 20.87 12.55
N ASN A 129 -4.42 19.63 12.36
CA ASN A 129 -3.75 18.53 13.03
C ASN A 129 -4.01 17.24 12.30
N LEU A 130 -2.99 16.41 12.21
CA LEU A 130 -3.10 15.13 11.53
C LEU A 130 -2.68 14.03 12.48
N PRO A 131 -3.63 13.40 13.16
CA PRO A 131 -3.27 12.24 13.98
C PRO A 131 -3.19 11.02 13.09
N ILE A 132 -2.26 10.14 13.37
CA ILE A 132 -2.15 8.92 12.60
C ILE A 132 -2.45 7.73 13.50
N GLU A 133 -3.55 7.08 13.19
CA GLU A 133 -4.00 5.92 13.94
C GLU A 133 -3.25 4.67 13.51
N ASN A 134 -3.05 4.52 12.21
CA ASN A 134 -2.30 3.41 11.67
C ASN A 134 -1.51 3.90 10.48
N GLY A 135 -0.19 3.80 10.55
CA GLY A 135 0.66 4.23 9.46
C GLY A 135 1.82 5.06 9.94
N LEU A 136 2.61 5.55 8.98
CA LEU A 136 3.84 6.29 9.24
C LEU A 136 4.02 7.43 8.25
N ILE A 137 4.56 8.55 8.74
CA ILE A 137 5.04 9.59 7.84
C ILE A 137 6.42 9.21 7.30
N VAL A 138 6.59 9.28 5.99
CA VAL A 138 7.86 8.87 5.38
C VAL A 138 8.42 9.86 4.38
N GLY A 139 7.91 11.09 4.37
CA GLY A 139 8.39 12.05 3.41
C GLY A 139 7.64 13.37 3.51
N PHE A 140 8.31 14.44 3.10
CA PHE A 140 7.71 15.76 3.10
C PHE A 140 7.90 16.44 1.77
N LYS A 141 6.94 17.28 1.39
CA LYS A 141 7.10 18.16 0.24
C LYS A 141 6.40 19.47 0.61
N GLY A 142 6.65 20.50 -0.18
CA GLY A 142 6.02 21.78 0.05
C GLY A 142 6.67 22.90 -0.73
N SER A 143 6.73 24.08 -0.11
CA SER A 143 7.30 25.25 -0.75
C SER A 143 7.74 26.24 0.30
N ILE A 144 8.90 26.86 0.07
CA ILE A 144 9.40 27.87 0.99
C ILE A 144 9.82 29.13 0.23
N GLY A 145 9.28 30.27 0.63
CA GLY A 145 9.74 31.56 0.13
C GLY A 145 10.45 32.28 1.25
N TYR A 146 9.89 33.39 1.73
CA TYR A 146 10.34 33.97 2.99
C TYR A 146 10.07 32.97 4.11
N TRP A 147 8.91 32.33 4.05
CA TRP A 147 8.49 31.36 5.05
C TRP A 147 7.98 30.09 4.39
N LEU A 148 7.73 29.07 5.20
CA LEU A 148 7.15 27.84 4.68
C LEU A 148 5.72 28.14 4.19
N ASP A 149 5.51 28.11 2.87
CA ASP A 149 4.23 28.50 2.29
C ASP A 149 3.18 27.42 2.52
N TYR A 150 3.58 26.17 2.30
CA TYR A 150 2.69 25.03 2.52
C TYR A 150 3.52 23.76 2.61
N PHE A 151 2.91 22.68 3.12
CA PHE A 151 3.60 21.39 3.08
C PHE A 151 2.62 20.23 3.06
N SER A 152 3.12 19.08 2.59
CA SER A 152 2.32 17.86 2.52
C SER A 152 3.17 16.75 3.08
N MET A 153 2.54 15.63 3.42
CA MET A 153 3.26 14.50 4.00
C MET A 153 2.96 13.19 3.28
N TYR A 154 3.99 12.40 3.04
CA TYR A 154 3.83 11.06 2.48
C TYR A 154 3.49 10.08 3.59
N LEU A 155 2.46 9.27 3.39
CA LEU A 155 2.05 8.30 4.41
C LEU A 155 2.12 6.88 3.86
N SER A 156 2.55 5.93 4.69
CA SER A 156 2.51 4.54 4.28
C SER A 156 2.23 3.66 5.48
N LEU A 157 2.04 2.37 5.22
CA LEU A 157 2.00 1.35 6.28
C LEU A 157 3.40 0.91 6.72
N ALA B 1 -0.23 -10.78 6.99
CA ALA B 1 0.97 -10.53 6.21
C ALA B 1 2.17 -11.19 6.86
N GLU B 2 2.30 -10.97 8.17
CA GLU B 2 3.37 -11.56 8.95
C GLU B 2 2.84 -11.99 10.32
N GLN B 3 1.64 -11.53 10.66
CA GLN B 3 1.00 -11.87 11.92
C GLN B 3 -0.42 -12.37 11.72
N SER B 4 -1.24 -11.59 11.01
CA SER B 4 -2.65 -11.93 10.85
C SER B 4 -3.06 -12.07 9.40
N GLY B 5 -4.15 -12.80 9.19
CA GLY B 5 -4.70 -12.98 7.86
C GLY B 5 -5.62 -11.84 7.47
N LYS B 6 -5.56 -10.72 8.18
CA LYS B 6 -6.40 -9.54 7.85
C LYS B 6 -5.59 -8.42 7.26
N SER B 7 -6.04 -7.89 6.14
CA SER B 7 -5.39 -6.75 5.49
C SER B 7 -5.34 -5.50 6.36
N GLN B 8 -4.33 -4.67 6.13
CA GLN B 8 -4.14 -3.41 6.84
C GLN B 8 -4.35 -2.22 5.93
N THR B 9 -4.69 -1.07 6.51
CA THR B 9 -4.90 0.15 5.77
C THR B 9 -4.40 1.34 6.59
N VAL B 10 -3.82 2.35 5.96
CA VAL B 10 -3.57 3.61 6.68
C VAL B 10 -4.86 4.15 7.27
N ILE B 11 -4.80 4.64 8.51
CA ILE B 11 -5.96 5.27 9.12
C ILE B 11 -5.52 6.58 9.74
N VAL B 12 -6.21 7.67 9.41
CA VAL B 12 -5.94 8.98 10.00
C VAL B 12 -7.11 9.40 10.89
N GLY B 13 -6.80 10.17 11.94
CA GLY B 13 -7.77 10.46 12.97
C GLY B 13 -7.32 9.84 14.28
N PRO B 14 -8.17 9.89 15.31
CA PRO B 14 -9.53 10.44 15.25
C PRO B 14 -9.57 11.94 15.41
N TRP B 15 -10.62 12.55 14.87
CA TRP B 15 -10.95 13.93 15.18
C TRP B 15 -12.22 13.94 16.04
N GLY B 16 -12.21 14.72 17.12
CA GLY B 16 -13.32 14.73 18.05
C GLY B 16 -12.88 14.35 19.45
N ALA B 17 -13.77 13.74 20.21
CA ALA B 17 -13.43 13.28 21.56
C ALA B 17 -12.25 12.30 21.52
N GLN B 18 -11.29 12.48 22.42
CA GLN B 18 -10.12 11.61 22.44
C GLN B 18 -10.26 10.60 23.57
N VAL B 19 -10.62 9.38 23.21
CA VAL B 19 -10.80 8.31 24.19
C VAL B 19 -9.60 7.39 24.22
N GLY B 25 -20.76 7.14 23.62
CA GLY B 25 -21.52 6.77 22.44
C GLY B 25 -21.30 5.33 22.03
N LYS B 26 -21.92 4.94 20.92
CA LYS B 26 -21.76 3.60 20.39
C LYS B 26 -20.71 3.62 19.29
N ALA B 27 -19.62 2.87 19.49
CA ALA B 27 -18.54 2.85 18.51
C ALA B 27 -18.95 2.14 17.24
N PHE B 28 -18.39 2.56 16.10
CA PHE B 28 -18.60 1.84 14.87
C PHE B 28 -17.31 1.76 14.06
N ASP B 29 -17.24 0.78 13.16
CA ASP B 29 -16.08 0.63 12.29
C ASP B 29 -16.52 -0.05 11.00
N ASP B 30 -16.65 0.71 9.93
CA ASP B 30 -17.07 0.13 8.66
C ASP B 30 -15.97 -0.71 8.01
N GLY B 31 -14.72 -0.41 8.33
CA GLY B 31 -13.60 -1.01 7.64
C GLY B 31 -13.32 -0.33 6.30
N ALA B 32 -12.57 -1.00 5.45
CA ALA B 32 -12.11 -0.41 4.20
C ALA B 32 -12.77 -1.07 2.99
N PHE B 33 -13.01 -0.24 1.96
CA PHE B 33 -13.63 -0.66 0.73
C PHE B 33 -12.84 -0.16 -0.46
N THR B 34 -13.43 -0.14 -1.65
CA THR B 34 -12.64 0.25 -2.83
C THR B 34 -12.98 1.67 -3.27
N GLY B 35 -13.96 2.27 -2.62
CA GLY B 35 -14.36 3.64 -2.96
C GLY B 35 -15.61 4.08 -2.22
N ILE B 36 -16.08 5.29 -2.54
CA ILE B 36 -17.28 5.84 -1.90
C ILE B 36 -18.30 6.30 -2.95
N ARG B 37 -19.54 5.85 -2.80
CA ARG B 37 -20.61 6.22 -3.72
C ARG B 37 -21.56 7.26 -3.15
N GLU B 38 -21.89 7.12 -1.86
CA GLU B 38 -22.88 8.02 -1.26
C GLU B 38 -22.61 8.18 0.22
N ILE B 39 -22.80 9.39 0.74
CA ILE B 39 -22.75 9.60 2.18
C ILE B 39 -24.10 10.14 2.67
N ASN B 40 -24.66 9.47 3.66
CA ASN B 40 -25.93 9.91 4.25
C ASN B 40 -25.70 10.35 5.68
N LEU B 41 -25.89 11.64 5.95
CA LEU B 41 -25.65 12.09 7.31
C LEU B 41 -26.78 13.00 7.76
N SER B 42 -26.81 13.28 9.05
CA SER B 42 -27.79 14.26 9.54
C SER B 42 -27.09 15.23 10.47
N TYR B 43 -27.70 16.39 10.64
CA TYR B 43 -27.10 17.43 11.45
C TYR B 43 -28.17 18.28 12.08
N ASN B 44 -27.76 19.05 13.08
CA ASN B 44 -28.65 20.02 13.69
C ASN B 44 -27.88 21.33 13.81
N LYS B 45 -28.47 22.41 13.32
CA LYS B 45 -27.81 23.71 13.27
C LYS B 45 -27.52 24.32 14.63
N GLU B 46 -28.04 23.70 15.69
CA GLU B 46 -27.82 24.22 17.03
C GLU B 46 -26.87 23.33 17.84
N THR B 47 -26.55 22.15 17.32
CA THR B 47 -25.71 21.24 18.09
C THR B 47 -24.55 20.69 17.28
N ALA B 48 -24.75 19.57 16.58
CA ALA B 48 -23.66 18.88 15.93
C ALA B 48 -24.16 17.86 14.90
N ILE B 49 -23.22 17.07 14.40
CA ILE B 49 -23.51 15.98 13.47
C ILE B 49 -24.23 14.87 14.23
N GLY B 50 -25.27 14.31 13.62
CA GLY B 50 -25.96 13.19 14.23
C GLY B 50 -25.68 11.86 13.55
N ASP B 51 -26.56 11.47 12.64
CA ASP B 51 -26.47 10.16 11.99
C ASP B 51 -25.40 10.15 10.91
N PHE B 52 -24.84 8.97 10.64
CA PHE B 52 -23.82 8.81 9.62
C PHE B 52 -23.89 7.42 8.96
N GLN B 53 -23.92 7.39 7.64
CA GLN B 53 -24.03 6.13 6.92
C GLN B 53 -23.37 6.28 5.57
N VAL B 54 -22.72 5.22 5.09
CA VAL B 54 -22.02 5.33 3.81
C VAL B 54 -22.39 4.18 2.87
N ILE B 55 -22.69 4.51 1.62
CA ILE B 55 -22.74 3.48 0.59
C ILE B 55 -21.37 3.47 -0.08
N TYR B 56 -20.65 2.39 0.11
CA TYR B 56 -19.31 2.25 -0.45
C TYR B 56 -19.35 1.64 -1.83
N ASP B 57 -18.26 1.78 -2.57
CA ASP B 57 -18.06 0.88 -3.69
C ASP B 57 -17.29 -0.34 -3.21
N LEU B 58 -17.67 -1.52 -3.70
CA LEU B 58 -16.92 -2.72 -3.42
C LEU B 58 -16.70 -3.42 -4.74
N ASN B 59 -15.50 -3.27 -5.28
CA ASN B 59 -15.13 -3.92 -6.53
C ASN B 59 -16.17 -3.71 -7.62
N GLY B 60 -16.65 -2.48 -7.72
CA GLY B 60 -17.50 -2.08 -8.83
C GLY B 60 -19.00 -2.17 -8.56
N SER B 61 -19.38 -2.65 -7.39
CA SER B 61 -20.80 -2.66 -7.01
C SER B 61 -21.00 -1.97 -5.66
N PRO B 62 -22.19 -1.38 -5.45
CA PRO B 62 -22.45 -0.72 -4.17
C PRO B 62 -22.42 -1.70 -3.01
N PHE B 63 -21.90 -1.26 -1.88
CA PHE B 63 -22.02 -2.01 -0.64
C PHE B 63 -22.62 -1.08 0.37
N VAL B 64 -23.81 -1.40 0.85
CA VAL B 64 -24.50 -0.51 1.78
C VAL B 64 -24.00 -0.65 3.22
N GLY B 65 -23.33 0.40 3.70
CA GLY B 65 -22.82 0.41 5.06
C GLY B 65 -23.95 0.45 6.05
N GLN B 66 -23.69 -0.03 7.27
CA GLN B 66 -24.68 0.03 8.34
C GLN B 66 -25.01 1.49 8.69
N ASN B 67 -26.27 1.76 9.01
CA ASN B 67 -26.61 3.09 9.51
C ASN B 67 -26.16 3.22 10.96
N HIS B 68 -25.38 4.26 11.22
CA HIS B 68 -24.93 4.54 12.57
C HIS B 68 -25.76 5.72 13.04
N THR B 69 -26.60 5.47 14.03
CA THR B 69 -27.67 6.40 14.35
C THR B 69 -27.47 7.09 15.69
N SER B 70 -27.80 8.37 15.74
CA SER B 70 -27.88 9.10 17.00
C SER B 70 -28.91 8.47 17.94
N PHE B 71 -28.70 8.67 19.24
CA PHE B 71 -29.66 8.21 20.25
C PHE B 71 -30.88 9.12 20.32
N ILE B 72 -30.79 10.29 19.71
CA ILE B 72 -31.91 11.25 19.76
C ILE B 72 -32.34 11.65 18.36
N THR B 73 -33.44 12.40 18.27
CA THR B 73 -33.96 12.81 16.98
C THR B 73 -33.78 14.33 16.82
N GLY B 74 -34.46 14.93 15.85
CA GLY B 74 -34.41 16.36 15.65
C GLY B 74 -33.41 16.82 14.61
N PHE B 75 -32.75 15.86 13.96
CA PHE B 75 -31.73 16.18 12.94
C PHE B 75 -32.29 16.35 11.54
N THR B 76 -31.54 17.08 10.72
CA THR B 76 -31.87 17.25 9.31
C THR B 76 -30.98 16.34 8.47
N PRO B 77 -31.61 15.46 7.67
CA PRO B 77 -30.84 14.51 6.87
C PRO B 77 -30.34 15.12 5.58
N VAL B 78 -29.16 14.72 5.12
CA VAL B 78 -28.70 15.13 3.80
C VAL B 78 -28.12 13.90 3.11
N LYS B 79 -28.32 13.84 1.80
CA LYS B 79 -27.79 12.74 1.01
C LYS B 79 -26.75 13.31 0.06
N ILE B 80 -25.53 12.81 0.17
CA ILE B 80 -24.47 13.22 -0.73
C ILE B 80 -24.22 12.12 -1.72
N SER B 81 -24.72 12.29 -2.94
CA SER B 81 -24.60 11.25 -3.95
C SER B 81 -23.50 11.60 -4.95
N LEU B 82 -22.42 10.83 -4.92
CA LEU B 82 -21.28 11.14 -5.77
C LEU B 82 -21.38 10.47 -7.12
N ASP B 83 -20.87 11.15 -8.14
CA ASP B 83 -20.75 10.55 -9.47
C ASP B 83 -19.55 9.63 -9.52
N PHE B 84 -19.64 8.53 -8.77
CA PHE B 84 -18.58 7.52 -8.72
C PHE B 84 -18.48 6.78 -10.05
N PRO B 85 -17.25 6.58 -10.57
CA PRO B 85 -15.96 6.90 -9.95
C PRO B 85 -15.28 8.18 -10.45
N SER B 86 -15.93 8.93 -11.33
CA SER B 86 -15.36 10.18 -11.83
C SER B 86 -15.17 11.20 -10.71
N GLU B 87 -16.11 11.20 -9.77
CA GLU B 87 -16.09 12.15 -8.66
C GLU B 87 -15.66 11.44 -7.39
N TYR B 88 -14.75 12.06 -6.65
CA TYR B 88 -14.27 11.48 -5.40
C TYR B 88 -13.84 12.58 -4.46
N ILE B 89 -13.83 12.27 -3.17
CA ILE B 89 -13.50 13.24 -2.14
C ILE B 89 -12.00 13.58 -2.15
N ILE B 90 -11.69 14.87 -2.09
CA ILE B 90 -10.31 15.34 -2.09
C ILE B 90 -10.00 16.12 -0.82
N GLU B 91 -11.03 16.42 -0.03
CA GLU B 91 -10.79 17.07 1.27
C GLU B 91 -11.98 16.89 2.20
N VAL B 92 -11.69 16.53 3.45
CA VAL B 92 -12.71 16.49 4.49
C VAL B 92 -12.31 17.48 5.57
N SER B 93 -13.26 18.33 5.96
CA SER B 93 -12.98 19.35 6.97
C SER B 93 -14.14 19.46 7.93
N GLY B 94 -13.93 20.13 9.04
CA GLY B 94 -15.01 20.27 10.00
C GLY B 94 -14.58 21.01 11.22
N HIS B 95 -15.36 20.84 12.28
CA HIS B 95 -15.14 21.50 13.55
C HIS B 95 -15.42 20.52 14.67
N THR B 96 -14.65 20.60 15.75
CA THR B 96 -15.00 19.86 16.96
C THR B 96 -15.12 20.82 18.10
N GLY B 97 -15.93 20.47 19.09
CA GLY B 97 -16.12 21.33 20.22
C GLY B 97 -17.16 20.75 21.14
N LYS B 98 -17.43 21.43 22.24
CA LYS B 98 -18.30 20.85 23.25
C LYS B 98 -19.78 21.13 23.03
N VAL B 99 -20.59 20.09 23.14
CA VAL B 99 -22.03 20.22 23.21
C VAL B 99 -22.50 19.51 24.47
N SER B 100 -23.17 20.24 25.36
CA SER B 100 -23.60 19.70 26.64
C SER B 100 -22.47 19.01 27.38
N GLY B 101 -21.27 19.57 27.29
CA GLY B 101 -20.13 19.04 28.02
C GLY B 101 -19.36 17.93 27.33
N TYR B 102 -19.84 17.50 26.16
CA TYR B 102 -19.17 16.44 25.38
C TYR B 102 -18.42 17.02 24.19
N VAL B 103 -17.17 16.60 24.01
CA VAL B 103 -16.46 16.95 22.78
C VAL B 103 -17.03 16.12 21.64
N VAL B 104 -17.56 16.80 20.62
CA VAL B 104 -18.16 16.10 19.49
C VAL B 104 -17.76 16.73 18.15
N VAL B 105 -18.09 16.06 17.05
CA VAL B 105 -17.88 16.61 15.72
C VAL B 105 -19.05 17.51 15.38
N ARG B 106 -18.83 18.82 15.43
CA ARG B 106 -19.92 19.78 15.28
C ARG B 106 -20.29 20.08 13.82
N SER B 107 -19.32 20.01 12.92
CA SER B 107 -19.62 20.17 11.51
C SER B 107 -18.75 19.29 10.63
N LEU B 108 -19.26 18.97 9.44
CA LEU B 108 -18.50 18.27 8.41
C LEU B 108 -18.74 18.93 7.05
N ALA B 109 -17.69 18.95 6.23
CA ALA B 109 -17.80 19.40 4.86
C ALA B 109 -16.95 18.47 4.00
N PHE B 110 -17.49 18.07 2.86
CA PHE B 110 -16.81 17.16 1.94
C PHE B 110 -16.57 17.85 0.61
N LYS B 111 -15.31 18.06 0.27
CA LYS B 111 -14.94 18.64 -1.01
C LYS B 111 -14.52 17.54 -1.97
N THR B 112 -15.12 17.54 -3.16
CA THR B 112 -14.72 16.57 -4.19
C THR B 112 -14.02 17.31 -5.31
N ASN B 113 -13.57 16.55 -6.31
CA ASN B 113 -12.94 17.16 -7.48
C ASN B 113 -13.96 17.88 -8.35
N LYS B 114 -15.23 17.79 -7.97
CA LYS B 114 -16.30 18.41 -8.74
C LYS B 114 -16.99 19.58 -8.03
N LYS B 115 -17.16 19.47 -6.71
CA LYS B 115 -17.84 20.52 -5.95
C LYS B 115 -17.67 20.32 -4.44
N THR B 116 -18.24 21.23 -3.67
CA THR B 116 -18.21 21.11 -2.21
C THR B 116 -19.58 20.81 -1.63
N TYR B 117 -19.63 19.84 -0.72
CA TYR B 117 -20.86 19.48 -0.03
C TYR B 117 -20.75 19.95 1.41
N GLY B 118 -21.62 20.85 1.82
CA GLY B 118 -21.56 21.37 3.17
C GLY B 118 -21.04 22.80 3.23
N PRO B 119 -20.67 23.27 4.43
CA PRO B 119 -20.63 22.50 5.68
C PRO B 119 -22.01 22.19 6.25
N TYR B 120 -22.07 21.07 6.96
CA TYR B 120 -23.28 20.65 7.63
C TYR B 120 -23.05 20.73 9.12
N GLY B 121 -23.99 21.31 9.86
CA GLY B 121 -23.83 21.39 11.30
C GLY B 121 -23.51 22.77 11.80
N VAL B 122 -22.69 22.84 12.84
CA VAL B 122 -22.30 24.13 13.43
C VAL B 122 -20.81 24.36 13.21
N THR B 123 -20.47 25.45 12.51
CA THR B 123 -19.06 25.70 12.20
C THR B 123 -18.45 26.53 13.32
N SER B 124 -18.50 25.98 14.53
CA SER B 124 -17.92 26.62 15.69
C SER B 124 -17.04 25.62 16.43
N GLY B 125 -15.97 26.10 17.05
CA GLY B 125 -15.06 25.22 17.75
C GLY B 125 -13.70 25.18 17.08
N THR B 126 -13.00 24.07 17.23
CA THR B 126 -11.67 23.92 16.64
C THR B 126 -11.81 23.34 15.24
N PRO B 127 -11.32 24.06 14.22
CA PRO B 127 -11.35 23.48 12.87
C PRO B 127 -10.36 22.32 12.69
N PHE B 128 -10.70 21.39 11.81
CA PHE B 128 -9.74 20.41 11.32
C PHE B 128 -9.94 20.28 9.81
N ASN B 129 -8.91 19.84 9.10
CA ASN B 129 -9.09 19.56 7.68
C ASN B 129 -8.05 18.57 7.19
N LEU B 130 -8.51 17.66 6.33
CA LEU B 130 -7.64 16.66 5.74
C LEU B 130 -7.76 16.70 4.22
N PRO B 131 -6.84 17.42 3.55
CA PRO B 131 -6.77 17.41 2.10
C PRO B 131 -6.04 16.18 1.66
N ILE B 132 -6.48 15.55 0.59
CA ILE B 132 -5.78 14.39 0.03
C ILE B 132 -5.14 14.81 -1.29
N GLU B 133 -3.82 14.77 -1.35
CA GLU B 133 -3.14 15.12 -2.57
C GLU B 133 -2.97 13.90 -3.48
N ASN B 134 -2.75 12.73 -2.87
CA ASN B 134 -2.72 11.50 -3.65
C ASN B 134 -3.30 10.38 -2.83
N GLY B 135 -4.33 9.71 -3.33
CA GLY B 135 -4.99 8.66 -2.58
C GLY B 135 -6.49 8.86 -2.45
N LEU B 136 -7.12 7.95 -1.72
CA LEU B 136 -8.58 7.91 -1.59
C LEU B 136 -9.01 7.58 -0.19
N ILE B 137 -10.10 8.21 0.25
CA ILE B 137 -10.81 7.75 1.44
C ILE B 137 -11.67 6.55 1.10
N VAL B 138 -11.50 5.46 1.84
CA VAL B 138 -12.21 4.23 1.51
C VAL B 138 -12.90 3.61 2.72
N GLY B 139 -13.03 4.36 3.81
CA GLY B 139 -13.68 3.80 4.97
C GLY B 139 -13.74 4.78 6.11
N PHE B 140 -14.73 4.60 6.98
CA PHE B 140 -14.91 5.42 8.17
C PHE B 140 -15.08 4.57 9.41
N LYS B 141 -14.62 5.10 10.54
CA LYS B 141 -14.90 4.52 11.84
C LYS B 141 -15.11 5.68 12.80
N GLY B 142 -15.68 5.40 13.97
CA GLY B 142 -15.98 6.48 14.89
C GLY B 142 -16.89 6.02 16.02
N SER B 143 -17.66 6.96 16.53
CA SER B 143 -18.62 6.68 17.59
C SER B 143 -19.72 7.73 17.55
N ILE B 144 -20.95 7.31 17.83
CA ILE B 144 -22.07 8.25 17.88
C ILE B 144 -22.89 7.99 19.14
N GLY B 145 -23.11 9.04 19.91
CA GLY B 145 -24.04 8.99 21.05
C GLY B 145 -25.26 9.83 20.72
N TYR B 146 -25.44 10.93 21.43
CA TYR B 146 -26.38 11.96 20.97
C TYR B 146 -25.87 12.54 19.65
N TRP B 147 -24.55 12.72 19.57
CA TRP B 147 -23.90 13.27 18.39
C TRP B 147 -22.71 12.43 17.99
N LEU B 148 -22.20 12.66 16.78
CA LEU B 148 -20.96 12.03 16.36
C LEU B 148 -19.83 12.46 17.31
N ASP B 149 -19.30 11.52 18.08
CA ASP B 149 -18.28 11.84 19.09
C ASP B 149 -16.91 12.06 18.46
N TYR B 150 -16.55 11.16 17.54
CA TYR B 150 -15.30 11.26 16.83
C TYR B 150 -15.36 10.40 15.58
N PHE B 151 -14.38 10.57 14.70
CA PHE B 151 -14.29 9.70 13.54
C PHE B 151 -12.88 9.66 13.00
N SER B 152 -12.58 8.58 12.28
CA SER B 152 -11.28 8.39 11.64
C SER B 152 -11.55 7.91 10.22
N MET B 153 -10.56 8.03 9.36
CA MET B 153 -10.74 7.66 7.95
C MET B 153 -9.66 6.68 7.49
N TYR B 154 -10.09 5.65 6.77
CA TYR B 154 -9.20 4.74 6.07
C TYR B 154 -8.74 5.36 4.74
N LEU B 155 -7.43 5.38 4.49
CA LEU B 155 -6.86 5.90 3.24
C LEU B 155 -6.10 4.84 2.46
N SER B 156 -6.21 4.88 1.14
CA SER B 156 -5.43 3.97 0.32
C SER B 156 -5.05 4.60 -1.01
N LEU B 157 -4.20 3.91 -1.77
CA LEU B 157 -3.97 4.26 -3.17
C LEU B 157 -5.00 3.63 -4.12
N GLN C 3 -6.30 10.87 -10.91
CA GLN C 3 -6.62 9.49 -10.55
C GLN C 3 -8.10 9.17 -10.76
N SER C 4 -8.48 7.97 -10.37
CA SER C 4 -9.88 7.57 -10.38
C SER C 4 -10.37 7.43 -8.96
N GLY C 5 -11.68 7.28 -8.81
CA GLY C 5 -12.28 7.12 -7.51
C GLY C 5 -12.20 5.70 -7.01
N LYS C 6 -11.47 4.83 -7.72
CA LYS C 6 -11.37 3.41 -7.36
C LYS C 6 -10.00 3.05 -6.82
N SER C 7 -9.98 2.34 -5.69
CA SER C 7 -8.71 1.93 -5.09
C SER C 7 -8.02 0.87 -5.94
N GLN C 8 -6.72 0.74 -5.77
CA GLN C 8 -6.02 -0.29 -6.55
C GLN C 8 -5.10 -1.12 -5.69
N THR C 9 -4.76 -2.31 -6.15
CA THR C 9 -3.86 -3.15 -5.38
C THR C 9 -2.88 -3.84 -6.30
N VAL C 10 -1.80 -4.34 -5.74
CA VAL C 10 -0.87 -5.16 -6.51
C VAL C 10 -1.60 -6.39 -7.04
N ILE C 11 -1.34 -6.73 -8.30
CA ILE C 11 -1.85 -7.99 -8.88
C ILE C 11 -0.69 -8.72 -9.52
N VAL C 12 -0.46 -9.97 -9.11
CA VAL C 12 0.53 -10.82 -9.76
C VAL C 12 -0.17 -11.92 -10.59
N GLY C 13 0.50 -12.31 -11.67
CA GLY C 13 -0.08 -13.19 -12.66
C GLY C 13 -0.21 -12.47 -14.00
N PRO C 14 -0.93 -13.08 -14.95
CA PRO C 14 -1.59 -14.39 -14.82
C PRO C 14 -0.67 -15.58 -15.03
N TRP C 15 -1.05 -16.70 -14.43
CA TRP C 15 -0.46 -17.99 -14.77
C TRP C 15 -1.45 -18.80 -15.56
N GLY C 16 -1.01 -19.40 -16.66
CA GLY C 16 -1.91 -20.13 -17.52
C GLY C 16 -1.85 -19.60 -18.94
N ALA C 17 -2.95 -19.69 -19.67
CA ALA C 17 -3.01 -19.20 -21.04
C ALA C 17 -2.70 -17.70 -21.08
N GLN C 18 -1.94 -17.27 -22.06
CA GLN C 18 -1.47 -15.88 -22.14
C GLN C 18 -2.08 -15.13 -23.30
N VAL C 19 -2.71 -14.00 -23.01
CA VAL C 19 -3.25 -13.13 -24.06
C VAL C 19 -3.54 -11.73 -23.53
N GLY C 25 -12.28 -18.93 -22.19
CA GLY C 25 -13.55 -19.17 -21.53
C GLY C 25 -14.21 -17.90 -21.05
N LYS C 26 -14.89 -17.99 -19.91
CA LYS C 26 -15.55 -16.82 -19.34
C LYS C 26 -14.67 -16.17 -18.28
N ALA C 27 -14.28 -14.91 -18.53
CA ALA C 27 -13.42 -14.18 -17.59
C ALA C 27 -14.15 -13.90 -16.27
N PHE C 28 -13.40 -13.89 -15.18
CA PHE C 28 -13.97 -13.47 -13.90
C PHE C 28 -12.96 -12.59 -13.18
N ASP C 29 -13.45 -11.79 -12.25
CA ASP C 29 -12.61 -10.92 -11.44
C ASP C 29 -13.35 -10.61 -10.14
N ASP C 30 -12.95 -11.26 -9.06
CA ASP C 30 -13.61 -11.03 -7.77
C ASP C 30 -13.29 -9.67 -7.16
N GLY C 31 -12.15 -9.11 -7.54
CA GLY C 31 -11.69 -7.89 -6.90
C GLY C 31 -10.93 -8.19 -5.61
N ALA C 32 -10.71 -7.17 -4.79
CA ALA C 32 -9.91 -7.33 -3.58
C ALA C 32 -10.75 -7.20 -2.31
N PHE C 33 -10.34 -7.93 -1.28
CA PHE C 33 -11.07 -7.95 0.00
C PHE C 33 -10.08 -7.84 1.14
N THR C 34 -10.46 -8.24 2.34
CA THR C 34 -9.55 -8.03 3.46
C THR C 34 -8.93 -9.34 3.93
N GLY C 35 -9.29 -10.43 3.25
CA GLY C 35 -8.74 -11.73 3.58
C GLY C 35 -9.48 -12.88 2.94
N ILE C 36 -9.10 -14.11 3.28
CA ILE C 36 -9.70 -15.30 2.72
C ILE C 36 -10.17 -16.26 3.82
N ARG C 37 -11.43 -16.69 3.71
CA ARG C 37 -12.00 -17.63 4.68
C ARG C 37 -12.11 -19.06 4.14
N GLU C 38 -12.51 -19.20 2.89
CA GLU C 38 -12.75 -20.53 2.33
C GLU C 38 -12.53 -20.52 0.83
N ILE C 39 -11.92 -21.59 0.31
CA ILE C 39 -11.83 -21.76 -1.13
C ILE C 39 -12.55 -23.05 -1.51
N ASN C 40 -13.46 -22.94 -2.47
CA ASN C 40 -14.16 -24.10 -3.03
C ASN C 40 -13.76 -24.28 -4.48
N LEU C 41 -13.04 -25.35 -4.80
CA LEU C 41 -12.69 -25.56 -6.19
C LEU C 41 -13.01 -26.98 -6.60
N SER C 42 -12.95 -27.27 -7.90
CA SER C 42 -13.10 -28.65 -8.32
C SER C 42 -11.99 -29.01 -9.29
N TYR C 43 -11.76 -30.31 -9.43
CA TYR C 43 -10.65 -30.76 -10.24
C TYR C 43 -10.93 -32.12 -10.81
N ASN C 44 -10.16 -32.48 -11.81
CA ASN C 44 -10.20 -33.81 -12.41
C ASN C 44 -8.77 -34.31 -12.51
N LYS C 45 -8.52 -35.52 -12.04
CA LYS C 45 -7.16 -36.05 -11.99
C LYS C 45 -6.66 -36.50 -13.36
N GLU C 46 -7.48 -36.33 -14.39
CA GLU C 46 -7.07 -36.65 -15.75
C GLU C 46 -6.86 -35.39 -16.60
N THR C 47 -7.41 -34.26 -16.16
CA THR C 47 -7.39 -33.07 -16.99
C THR C 47 -6.80 -31.86 -16.28
N ALA C 48 -7.61 -31.13 -15.52
CA ALA C 48 -7.21 -29.84 -14.98
C ALA C 48 -8.17 -29.33 -13.90
N ILE C 49 -7.90 -28.12 -13.43
CA ILE C 49 -8.81 -27.44 -12.50
C ILE C 49 -10.08 -27.03 -13.23
N GLY C 50 -11.22 -27.16 -12.56
CA GLY C 50 -12.50 -26.79 -13.14
C GLY C 50 -13.09 -25.57 -12.44
N ASP C 51 -14.00 -25.81 -11.51
CA ASP C 51 -14.72 -24.73 -10.82
C ASP C 51 -13.86 -24.01 -9.78
N PHE C 52 -14.19 -22.76 -9.49
CA PHE C 52 -13.41 -21.99 -8.51
C PHE C 52 -14.30 -20.93 -7.85
N GLN C 53 -14.31 -20.92 -6.52
CA GLN C 53 -15.16 -20.00 -5.77
C GLN C 53 -14.52 -19.68 -4.43
N VAL C 54 -14.66 -18.45 -3.99
CA VAL C 54 -13.99 -18.04 -2.75
C VAL C 54 -14.96 -17.36 -1.79
N ILE C 55 -14.93 -17.78 -0.54
CA ILE C 55 -15.54 -16.96 0.51
C ILE C 55 -14.45 -16.08 1.11
N TYR C 56 -14.58 -14.78 0.89
CA TYR C 56 -13.60 -13.82 1.36
C TYR C 56 -13.94 -13.33 2.75
N ASP C 57 -12.97 -12.71 3.42
CA ASP C 57 -13.30 -11.84 4.54
C ASP C 57 -13.51 -10.43 4.01
N LEU C 58 -14.55 -9.78 4.51
CA LEU C 58 -14.75 -8.37 4.23
C LEU C 58 -14.94 -7.66 5.56
N ASN C 59 -13.87 -7.05 6.06
CA ASN C 59 -13.93 -6.30 7.31
C ASN C 59 -14.57 -7.07 8.46
N GLY C 60 -14.13 -8.32 8.63
CA GLY C 60 -14.55 -9.11 9.79
C GLY C 60 -15.77 -9.97 9.55
N SER C 61 -16.36 -9.88 8.37
CA SER C 61 -17.52 -10.72 8.04
C SER C 61 -17.29 -11.44 6.72
N PRO C 62 -17.90 -12.63 6.56
CA PRO C 62 -17.74 -13.34 5.28
C PRO C 62 -18.35 -12.59 4.12
N PHE C 63 -17.73 -12.68 2.97
CA PHE C 63 -18.35 -12.21 1.74
C PHE C 63 -18.26 -13.34 0.75
N VAL C 64 -19.42 -13.84 0.31
CA VAL C 64 -19.46 -14.99 -0.58
C VAL C 64 -19.19 -14.59 -2.03
N GLY C 65 -18.07 -15.03 -2.58
CA GLY C 65 -17.75 -14.73 -3.97
C GLY C 65 -18.65 -15.52 -4.92
N GLN C 66 -18.82 -15.02 -6.14
CA GLN C 66 -19.59 -15.74 -7.13
C GLN C 66 -18.94 -17.08 -7.47
N ASN C 67 -19.76 -18.08 -7.77
CA ASN C 67 -19.16 -19.35 -8.17
C ASN C 67 -18.81 -19.29 -9.65
N HIS C 68 -17.54 -19.47 -9.94
CA HIS C 68 -17.09 -19.46 -11.31
C HIS C 68 -17.04 -20.90 -11.74
N THR C 69 -17.83 -21.24 -12.76
CA THR C 69 -18.00 -22.64 -13.12
C THR C 69 -17.44 -23.02 -14.48
N SER C 70 -16.89 -24.22 -14.54
CA SER C 70 -16.53 -24.84 -15.81
C SER C 70 -17.77 -25.08 -16.64
N PHE C 71 -17.61 -25.10 -17.95
CA PHE C 71 -18.72 -25.36 -18.86
C PHE C 71 -19.14 -26.82 -18.81
N ILE C 72 -18.27 -27.67 -18.26
CA ILE C 72 -18.54 -29.10 -18.22
C ILE C 72 -18.51 -29.65 -16.80
N THR C 73 -18.89 -30.91 -16.65
CA THR C 73 -18.91 -31.55 -15.34
C THR C 73 -17.87 -32.67 -15.27
N GLY C 74 -18.04 -33.57 -14.30
CA GLY C 74 -17.09 -34.65 -14.08
C GLY C 74 -15.97 -34.31 -13.11
N PHE C 75 -16.07 -33.16 -12.44
CA PHE C 75 -15.03 -32.74 -11.51
C PHE C 75 -15.29 -33.20 -10.08
N THR C 76 -14.22 -33.29 -9.28
CA THR C 76 -14.34 -33.61 -7.87
C THR C 76 -14.20 -32.32 -7.07
N PRO C 77 -15.19 -32.02 -6.22
CA PRO C 77 -15.15 -30.79 -5.41
C PRO C 77 -14.27 -30.94 -4.18
N VAL C 78 -13.70 -29.83 -3.73
CA VAL C 78 -12.96 -29.82 -2.48
C VAL C 78 -13.21 -28.48 -1.79
N LYS C 79 -13.41 -28.55 -0.47
CA LYS C 79 -13.60 -27.34 0.31
C LYS C 79 -12.37 -27.13 1.16
N ILE C 80 -11.75 -25.97 0.99
CA ILE C 80 -10.61 -25.56 1.77
C ILE C 80 -11.07 -24.51 2.77
N SER C 81 -11.36 -24.94 3.99
CA SER C 81 -11.89 -24.06 5.03
C SER C 81 -10.78 -23.61 5.97
N LEU C 82 -10.39 -22.35 5.89
CA LEU C 82 -9.27 -21.85 6.67
C LEU C 82 -9.70 -21.35 8.03
N ASP C 83 -8.82 -21.52 9.03
CA ASP C 83 -9.07 -20.98 10.35
C ASP C 83 -8.73 -19.48 10.35
N PHE C 84 -9.49 -18.71 9.61
CA PHE C 84 -9.32 -17.26 9.56
C PHE C 84 -9.67 -16.62 10.90
N PRO C 85 -8.84 -15.68 11.39
CA PRO C 85 -7.67 -15.09 10.75
C PRO C 85 -6.34 -15.69 11.16
N SER C 86 -6.34 -16.70 12.03
CA SER C 86 -5.09 -17.30 12.47
C SER C 86 -4.35 -17.96 11.32
N GLU C 87 -5.12 -18.54 10.41
CA GLU C 87 -4.56 -19.29 9.30
C GLU C 87 -4.71 -18.49 8.01
N TYR C 88 -3.63 -18.40 7.23
CA TYR C 88 -3.67 -17.68 5.95
C TYR C 88 -2.67 -18.31 5.00
N ILE C 89 -2.90 -18.10 3.72
CA ILE C 89 -2.07 -18.65 2.67
C ILE C 89 -0.71 -17.98 2.62
N ILE C 90 0.36 -18.79 2.56
CA ILE C 90 1.70 -18.25 2.45
C ILE C 90 2.40 -18.68 1.15
N GLU C 91 1.82 -19.64 0.42
CA GLU C 91 2.34 -19.99 -0.90
C GLU C 91 1.24 -20.61 -1.76
N VAL C 92 1.16 -20.17 -3.03
CA VAL C 92 0.30 -20.82 -4.01
C VAL C 92 1.19 -21.39 -5.11
N SER C 93 0.93 -22.65 -5.50
CA SER C 93 1.73 -23.26 -6.55
C SER C 93 0.84 -24.12 -7.43
N GLY C 94 1.37 -24.54 -8.57
CA GLY C 94 0.60 -25.35 -9.48
C GLY C 94 1.37 -25.69 -10.75
N HIS C 95 0.63 -26.07 -11.77
CA HIS C 95 1.20 -26.45 -13.06
C HIS C 95 0.29 -25.89 -14.14
N THR C 96 0.88 -25.51 -15.26
CA THR C 96 0.10 -25.16 -16.43
C THR C 96 0.57 -26.02 -17.58
N GLY C 97 -0.32 -26.28 -18.52
CA GLY C 97 0.01 -27.17 -19.62
C GLY C 97 -1.19 -27.35 -20.51
N LYS C 98 -1.00 -28.04 -21.62
CA LYS C 98 -2.06 -28.18 -22.62
C LYS C 98 -3.03 -29.29 -22.26
N VAL C 99 -4.32 -28.97 -22.33
CA VAL C 99 -5.37 -29.98 -22.31
C VAL C 99 -6.27 -29.74 -23.51
N SER C 100 -6.41 -30.77 -24.36
CA SER C 100 -7.17 -30.66 -25.59
C SER C 100 -6.73 -29.46 -26.44
N GLY C 101 -5.44 -29.17 -26.41
CA GLY C 101 -4.90 -28.08 -27.20
C GLY C 101 -4.96 -26.72 -26.54
N TYR C 102 -5.52 -26.64 -25.34
CA TYR C 102 -5.64 -25.37 -24.62
C TYR C 102 -4.64 -25.30 -23.47
N VAL C 103 -3.96 -24.17 -23.32
CA VAL C 103 -3.11 -23.99 -22.15
C VAL C 103 -4.01 -23.65 -20.97
N VAL C 104 -3.98 -24.50 -19.94
CA VAL C 104 -4.84 -24.31 -18.78
C VAL C 104 -4.08 -24.49 -17.47
N VAL C 105 -4.71 -24.13 -16.36
CA VAL C 105 -4.16 -24.39 -15.04
C VAL C 105 -4.49 -25.83 -14.66
N ARG C 106 -3.48 -26.69 -14.66
CA ARG C 106 -3.71 -28.11 -14.49
C ARG C 106 -3.74 -28.55 -13.03
N SER C 107 -3.01 -27.85 -12.17
CA SER C 107 -3.02 -28.18 -10.75
C SER C 107 -2.87 -26.92 -9.90
N LEU C 108 -3.38 -27.00 -8.68
CA LEU C 108 -3.20 -25.94 -7.68
C LEU C 108 -2.91 -26.58 -6.34
N ALA C 109 -2.08 -25.90 -5.57
CA ALA C 109 -1.82 -26.29 -4.19
C ALA C 109 -1.74 -25.01 -3.37
N PHE C 110 -2.30 -25.05 -2.16
CA PHE C 110 -2.31 -23.88 -1.28
C PHE C 110 -1.65 -24.24 0.03
N LYS C 111 -0.55 -23.57 0.33
CA LYS C 111 0.16 -23.79 1.59
C LYS C 111 -0.16 -22.65 2.54
N THR C 112 -0.62 -22.99 3.74
CA THR C 112 -0.85 -21.96 4.74
C THR C 112 0.21 -22.05 5.81
N ASN C 113 0.12 -21.15 6.79
CA ASN C 113 1.02 -21.22 7.92
C ASN C 113 0.73 -22.40 8.83
N LYS C 114 -0.32 -23.17 8.52
CA LYS C 114 -0.69 -24.32 9.35
C LYS C 114 -0.57 -25.67 8.62
N LYS C 115 -0.84 -25.69 7.31
CA LYS C 115 -1.02 -26.94 6.59
C LYS C 115 -0.87 -26.75 5.09
N THR C 116 -0.78 -27.85 4.36
CA THR C 116 -0.82 -27.78 2.89
C THR C 116 -2.10 -28.40 2.37
N TYR C 117 -2.75 -27.70 1.45
CA TYR C 117 -3.96 -28.19 0.81
C TYR C 117 -3.66 -28.50 -0.65
N GLY C 118 -3.79 -29.77 -1.04
CA GLY C 118 -3.48 -30.16 -2.40
C GLY C 118 -2.16 -30.93 -2.48
N PRO C 119 -1.61 -31.09 -3.70
CA PRO C 119 -2.09 -30.53 -4.96
C PRO C 119 -3.40 -31.15 -5.42
N TYR C 120 -4.19 -30.35 -6.12
CA TYR C 120 -5.44 -30.79 -6.72
C TYR C 120 -5.28 -30.74 -8.23
N GLY C 121 -5.71 -31.79 -8.92
CA GLY C 121 -5.63 -31.78 -10.37
C GLY C 121 -4.50 -32.65 -10.91
N VAL C 122 -3.85 -32.17 -11.96
CA VAL C 122 -2.79 -32.93 -12.61
C VAL C 122 -1.48 -32.17 -12.46
N THR C 123 -0.51 -32.79 -11.78
CA THR C 123 0.77 -32.12 -11.54
C THR C 123 1.75 -32.41 -12.66
N SER C 124 1.38 -32.08 -13.89
CA SER C 124 2.35 -32.14 -14.97
C SER C 124 2.25 -30.87 -15.82
N GLY C 125 3.32 -30.58 -16.55
CA GLY C 125 3.42 -29.35 -17.30
C GLY C 125 4.49 -28.45 -16.69
N THR C 126 4.30 -27.14 -16.83
CA THR C 126 5.24 -26.17 -16.31
C THR C 126 4.84 -25.79 -14.88
N PRO C 127 5.71 -26.03 -13.90
CA PRO C 127 5.35 -25.56 -12.56
C PRO C 127 5.41 -24.05 -12.44
N PHE C 128 4.61 -23.50 -11.52
CA PHE C 128 4.77 -22.13 -11.08
C PHE C 128 4.62 -22.14 -9.56
N ASN C 129 5.13 -21.12 -8.88
CA ASN C 129 4.89 -21.00 -7.44
C ASN C 129 5.11 -19.58 -6.96
N LEU C 130 4.23 -19.16 -6.07
CA LEU C 130 4.29 -17.82 -5.52
C LEU C 130 4.32 -17.91 -4.00
N PRO C 131 5.51 -17.88 -3.41
CA PRO C 131 5.61 -17.79 -1.96
C PRO C 131 5.44 -16.34 -1.57
N ILE C 132 4.78 -16.09 -0.46
CA ILE C 132 4.65 -14.71 0.03
C ILE C 132 5.41 -14.58 1.32
N GLU C 133 6.44 -13.75 1.29
CA GLU C 133 7.26 -13.54 2.47
C GLU C 133 6.62 -12.49 3.37
N ASN C 134 6.01 -11.47 2.78
CA ASN C 134 5.29 -10.47 3.56
C ASN C 134 4.09 -10.00 2.77
N GLY C 135 2.90 -10.17 3.33
CA GLY C 135 1.70 -9.79 2.60
C GLY C 135 0.63 -10.86 2.62
N LEU C 136 -0.49 -10.57 1.96
CA LEU C 136 -1.65 -11.44 1.93
C LEU C 136 -2.27 -11.48 0.56
N ILE C 137 -2.74 -12.67 0.16
CA ILE C 137 -3.64 -12.77 -0.99
C ILE C 137 -5.05 -12.34 -0.56
N VAL C 138 -5.65 -11.43 -1.30
CA VAL C 138 -6.97 -10.91 -0.94
C VAL C 138 -7.96 -10.88 -2.09
N GLY C 139 -7.64 -11.57 -3.18
CA GLY C 139 -8.57 -11.64 -4.30
C GLY C 139 -8.02 -12.46 -5.45
N PHE C 140 -8.94 -12.98 -6.26
CA PHE C 140 -8.60 -13.77 -7.44
C PHE C 140 -9.32 -13.25 -8.66
N LYS C 141 -8.66 -13.36 -9.81
CA LYS C 141 -9.28 -13.10 -11.09
C LYS C 141 -8.74 -14.13 -12.08
N GLY C 142 -9.39 -14.28 -13.22
CA GLY C 142 -8.99 -15.33 -14.14
C GLY C 142 -10.05 -15.58 -15.19
N SER C 143 -10.11 -16.82 -15.66
CA SER C 143 -11.03 -17.19 -16.72
C SER C 143 -11.23 -18.70 -16.70
N ILE C 144 -12.45 -19.15 -16.91
CA ILE C 144 -12.72 -20.59 -16.91
C ILE C 144 -13.55 -20.94 -18.13
N GLY C 145 -13.09 -21.92 -18.90
CA GLY C 145 -13.86 -22.49 -20.00
C GLY C 145 -14.27 -23.90 -19.63
N TYR C 146 -13.78 -24.89 -20.38
CA TYR C 146 -13.83 -26.26 -19.89
C TYR C 146 -13.02 -26.38 -18.60
N TRP C 147 -11.90 -25.67 -18.55
CA TRP C 147 -11.00 -25.68 -17.39
C TRP C 147 -10.58 -24.27 -17.01
N LEU C 148 -9.97 -24.13 -15.84
CA LEU C 148 -9.42 -22.81 -15.46
C LEU C 148 -8.32 -22.45 -16.46
N ASP C 149 -8.56 -21.40 -17.26
CA ASP C 149 -7.62 -21.02 -18.32
C ASP C 149 -6.39 -20.30 -17.76
N TYR C 150 -6.63 -19.38 -16.84
CA TYR C 150 -5.54 -18.67 -16.17
C TYR C 150 -6.08 -18.03 -14.92
N PHE C 151 -5.17 -17.57 -14.05
CA PHE C 151 -5.63 -16.81 -12.88
C PHE C 151 -4.54 -15.88 -12.41
N SER C 152 -4.97 -14.83 -11.71
CA SER C 152 -4.07 -13.86 -11.10
C SER C 152 -4.52 -13.64 -9.67
N MET C 153 -3.64 -13.06 -8.86
CA MET C 153 -3.96 -12.84 -7.45
C MET C 153 -3.70 -11.41 -7.03
N TYR C 154 -4.65 -10.86 -6.28
CA TYR C 154 -4.49 -9.58 -5.62
C TYR C 154 -3.68 -9.73 -4.34
N LEU C 155 -2.65 -8.90 -4.17
CA LEU C 155 -1.80 -8.93 -2.99
C LEU C 155 -1.83 -7.62 -2.24
N SER C 156 -1.84 -7.69 -0.92
CA SER C 156 -1.73 -6.47 -0.13
C SER C 156 -1.00 -6.73 1.18
N LEU C 157 -0.77 -5.65 1.93
CA LEU C 157 -0.27 -5.74 3.30
C LEU C 157 -1.40 -5.88 4.33
N GLN D 3 3.65 0.63 14.93
CA GLN D 3 4.38 -0.15 15.91
C GLN D 3 5.89 -0.24 15.60
N SER D 4 6.25 -0.66 14.38
CA SER D 4 7.65 -0.91 14.09
C SER D 4 8.46 0.38 13.83
N GLY D 5 7.79 1.44 13.38
CA GLY D 5 8.48 2.68 13.05
C GLY D 5 9.16 2.65 11.68
N LYS D 6 9.07 1.51 11.00
CA LYS D 6 9.67 1.33 9.67
C LYS D 6 8.60 0.98 8.65
N SER D 7 8.71 1.54 7.45
CA SER D 7 7.76 1.29 6.38
C SER D 7 7.75 -0.19 5.99
N GLN D 8 6.58 -0.71 5.63
CA GLN D 8 6.41 -2.10 5.22
C GLN D 8 6.08 -2.20 3.74
N THR D 9 6.44 -3.30 3.11
CA THR D 9 6.22 -3.50 1.70
C THR D 9 5.88 -4.98 1.45
N VAL D 10 5.06 -5.27 0.44
CA VAL D 10 4.83 -6.65 0.06
C VAL D 10 6.17 -7.24 -0.38
N ILE D 11 6.44 -8.48 0.04
CA ILE D 11 7.61 -9.22 -0.44
C ILE D 11 7.21 -10.59 -0.92
N VAL D 12 7.58 -10.93 -2.15
CA VAL D 12 7.32 -12.26 -2.68
C VAL D 12 8.64 -13.00 -2.86
N GLY D 13 8.56 -14.33 -2.68
CA GLY D 13 9.75 -15.17 -2.60
C GLY D 13 9.83 -15.83 -1.24
N PRO D 14 10.94 -16.52 -0.97
CA PRO D 14 12.10 -16.64 -1.86
C PRO D 14 11.97 -17.76 -2.87
N TRP D 15 12.67 -17.61 -3.99
CA TRP D 15 12.88 -18.71 -4.94
C TRP D 15 14.33 -19.15 -4.80
N GLY D 16 14.53 -20.47 -4.75
CA GLY D 16 15.87 -20.99 -4.55
C GLY D 16 15.88 -21.84 -3.30
N ALA D 17 17.01 -21.85 -2.60
CA ALA D 17 17.13 -22.59 -1.35
C ALA D 17 16.13 -22.10 -0.32
N GLN D 18 15.54 -23.03 0.43
CA GLN D 18 14.55 -22.62 1.42
C GLN D 18 15.18 -22.49 2.80
N VAL D 19 16.44 -22.10 2.82
CA VAL D 19 17.18 -21.90 4.06
C VAL D 19 16.94 -20.50 4.62
N GLY D 25 25.35 -19.08 2.45
CA GLY D 25 25.95 -17.91 1.82
C GLY D 25 25.77 -16.67 2.66
N LYS D 26 26.18 -15.52 2.14
CA LYS D 26 26.01 -14.27 2.84
C LYS D 26 24.68 -13.63 2.45
N ALA D 27 23.81 -13.45 3.42
CA ALA D 27 22.51 -12.83 3.18
C ALA D 27 22.68 -11.40 2.72
N PHE D 28 21.77 -10.92 1.89
CA PHE D 28 21.73 -9.50 1.55
C PHE D 28 20.28 -9.03 1.50
N ASP D 29 20.09 -7.73 1.72
CA ASP D 29 18.75 -7.15 1.68
C ASP D 29 18.90 -5.68 1.34
N ASP D 30 18.56 -5.33 0.11
CA ASP D 30 18.66 -3.93 -0.34
C ASP D 30 17.56 -3.07 0.24
N GLY D 31 16.43 -3.68 0.57
CA GLY D 31 15.26 -2.92 0.99
C GLY D 31 14.51 -2.38 -0.21
N ALA D 32 13.60 -1.44 0.02
CA ALA D 32 12.70 -0.99 -1.03
C ALA D 32 12.97 0.46 -1.45
N PHE D 33 12.75 0.73 -2.74
CA PHE D 33 13.09 1.99 -3.37
C PHE D 33 11.93 2.48 -4.23
N THR D 34 12.20 3.44 -5.12
CA THR D 34 11.19 4.06 -5.96
C THR D 34 11.02 3.31 -7.28
N GLY D 35 12.06 2.60 -7.68
CA GLY D 35 12.06 1.90 -8.96
C GLY D 35 13.43 1.32 -9.24
N ILE D 36 13.62 0.84 -10.47
CA ILE D 36 14.89 0.21 -10.87
C ILE D 36 15.48 0.85 -12.12
N ARG D 37 16.76 1.20 -12.06
CA ARG D 37 17.46 1.79 -13.21
C ARG D 37 18.36 0.79 -13.92
N GLU D 38 19.04 -0.06 -13.15
CA GLU D 38 20.04 -0.95 -13.76
C GLU D 38 20.25 -2.18 -12.91
N ILE D 39 20.39 -3.33 -13.56
CA ILE D 39 20.77 -4.55 -12.86
C ILE D 39 22.09 -5.05 -13.40
N ASN D 40 23.05 -5.29 -12.51
CA ASN D 40 24.34 -5.86 -12.90
C ASN D 40 24.52 -7.20 -12.24
N LEU D 41 24.48 -8.26 -13.03
CA LEU D 41 24.63 -9.60 -12.47
C LEU D 41 25.71 -10.37 -13.24
N SER D 42 26.17 -11.47 -12.67
CA SER D 42 27.08 -12.34 -13.40
C SER D 42 26.54 -13.77 -13.38
N TYR D 43 26.95 -14.55 -14.35
CA TYR D 43 26.48 -15.93 -14.47
C TYR D 43 27.57 -16.85 -15.03
N ASN D 44 27.35 -18.15 -14.88
CA ASN D 44 28.24 -19.15 -15.45
C ASN D 44 27.36 -20.18 -16.11
N LYS D 45 27.65 -20.49 -17.38
CA LYS D 45 26.77 -21.34 -18.18
C LYS D 45 26.83 -22.81 -17.79
N GLU D 46 27.68 -23.16 -16.84
CA GLU D 46 27.65 -24.53 -16.35
C GLU D 46 27.17 -24.66 -14.90
N THR D 47 27.04 -23.54 -14.20
CA THR D 47 26.63 -23.63 -12.80
C THR D 47 25.35 -22.81 -12.54
N ALA D 48 25.52 -21.54 -12.17
CA ALA D 48 24.38 -20.74 -11.72
C ALA D 48 24.68 -19.24 -11.75
N ILE D 49 23.73 -18.44 -11.29
CA ILE D 49 23.94 -17.01 -11.10
C ILE D 49 24.98 -16.77 -10.01
N GLY D 50 25.86 -15.78 -10.23
CA GLY D 50 26.86 -15.41 -9.26
C GLY D 50 26.58 -14.06 -8.58
N ASP D 51 27.11 -12.99 -9.16
CA ASP D 51 27.07 -11.67 -8.54
C ASP D 51 25.75 -10.99 -8.82
N PHE D 52 25.33 -10.08 -7.95
CA PHE D 52 24.07 -9.37 -8.15
C PHE D 52 24.15 -7.98 -7.54
N GLN D 53 23.84 -6.97 -8.34
CA GLN D 53 23.91 -5.60 -7.88
C GLN D 53 22.86 -4.80 -8.62
N VAL D 54 22.24 -3.87 -7.93
CA VAL D 54 21.19 -3.05 -8.53
C VAL D 54 21.41 -1.56 -8.32
N ILE D 55 21.24 -0.77 -9.39
CA ILE D 55 21.10 0.67 -9.25
C ILE D 55 19.61 0.97 -9.22
N TYR D 56 19.13 1.43 -8.08
CA TYR D 56 17.72 1.72 -7.91
C TYR D 56 17.41 3.15 -8.30
N ASP D 57 16.13 3.46 -8.48
CA ASP D 57 15.74 4.86 -8.40
C ASP D 57 15.30 5.18 -6.99
N LEU D 58 15.69 6.34 -6.51
CA LEU D 58 15.24 6.84 -5.22
C LEU D 58 14.73 8.26 -5.41
N ASN D 59 13.41 8.40 -5.52
CA ASN D 59 12.77 9.70 -5.70
C ASN D 59 13.40 10.54 -6.80
N GLY D 60 13.66 9.91 -7.94
CA GLY D 60 14.14 10.60 -9.11
C GLY D 60 15.65 10.67 -9.28
N SER D 61 16.40 10.15 -8.31
CA SER D 61 17.86 10.11 -8.41
C SER D 61 18.34 8.68 -8.29
N PRO D 62 19.43 8.31 -8.99
CA PRO D 62 19.94 6.95 -8.86
C PRO D 62 20.44 6.66 -7.45
N PHE D 63 20.26 5.43 -6.99
CA PHE D 63 20.83 5.00 -5.73
C PHE D 63 21.55 3.70 -5.98
N VAL D 64 22.86 3.70 -5.77
CA VAL D 64 23.69 2.55 -6.06
C VAL D 64 23.63 1.53 -4.94
N GLY D 65 22.98 0.39 -5.20
CA GLY D 65 22.93 -0.68 -4.22
C GLY D 65 24.29 -1.33 -4.04
N GLN D 66 24.49 -1.97 -2.90
CA GLN D 66 25.72 -2.73 -2.63
C GLN D 66 25.94 -3.83 -3.66
N ASN D 67 27.21 -4.06 -4.02
CA ASN D 67 27.54 -5.16 -4.91
C ASN D 67 27.58 -6.44 -4.09
N HIS D 68 26.68 -7.38 -4.41
CA HIS D 68 26.63 -8.62 -3.68
C HIS D 68 27.36 -9.67 -4.49
N THR D 69 28.52 -10.09 -4.00
CA THR D 69 29.43 -10.87 -4.83
C THR D 69 29.58 -12.33 -4.39
N SER D 70 29.69 -13.21 -5.39
CA SER D 70 30.03 -14.60 -5.14
C SER D 70 31.37 -14.72 -4.41
N PHE D 71 31.52 -15.82 -3.67
CA PHE D 71 32.78 -16.14 -3.02
C PHE D 71 33.85 -16.57 -4.05
N ILE D 72 33.40 -17.03 -5.21
CA ILE D 72 34.33 -17.48 -6.25
C ILE D 72 34.27 -16.60 -7.50
N THR D 73 35.15 -16.88 -8.46
CA THR D 73 35.16 -16.11 -9.70
C THR D 73 34.83 -17.02 -10.89
N GLY D 74 35.08 -16.54 -12.10
CA GLY D 74 34.82 -17.31 -13.31
C GLY D 74 33.50 -17.00 -13.99
N PHE D 75 32.80 -15.97 -13.48
CA PHE D 75 31.49 -15.61 -14.00
C PHE D 75 31.56 -14.62 -15.15
N THR D 76 30.49 -14.55 -15.94
CA THR D 76 30.38 -13.58 -17.03
C THR D 76 29.41 -12.47 -16.63
N PRO D 77 29.86 -11.21 -16.70
CA PRO D 77 28.98 -10.12 -16.26
C PRO D 77 28.01 -9.69 -17.35
N VAL D 78 26.83 -9.23 -16.94
CA VAL D 78 25.94 -8.56 -17.87
C VAL D 78 25.37 -7.33 -17.18
N LYS D 79 25.28 -6.25 -17.94
CA LYS D 79 24.66 -5.01 -17.45
C LYS D 79 23.32 -4.83 -18.13
N ILE D 80 22.27 -4.73 -17.32
CA ILE D 80 20.93 -4.49 -17.81
C ILE D 80 20.55 -3.05 -17.47
N SER D 81 20.72 -2.15 -18.44
CA SER D 81 20.42 -0.73 -18.25
C SER D 81 19.03 -0.41 -18.77
N LEU D 82 18.11 -0.14 -17.85
CA LEU D 82 16.73 0.13 -18.23
C LEU D 82 16.51 1.62 -18.52
N ASP D 83 15.61 1.91 -19.46
CA ASP D 83 15.24 3.30 -19.75
C ASP D 83 14.19 3.77 -18.72
N PHE D 84 14.61 3.86 -17.47
CA PHE D 84 13.74 4.30 -16.38
C PHE D 84 13.36 5.76 -16.62
N PRO D 85 12.10 6.13 -16.37
CA PRO D 85 11.02 5.28 -15.86
C PRO D 85 10.07 4.71 -16.93
N SER D 86 10.25 5.05 -18.19
CA SER D 86 9.32 4.56 -19.21
C SER D 86 9.47 3.05 -19.42
N GLU D 87 10.64 2.51 -19.15
CA GLU D 87 10.85 1.05 -19.21
C GLU D 87 10.93 0.47 -17.80
N TYR D 88 10.12 -0.54 -17.54
CA TYR D 88 10.11 -1.21 -16.25
C TYR D 88 9.84 -2.70 -16.37
N ILE D 89 10.27 -3.46 -15.37
CA ILE D 89 10.14 -4.91 -15.39
C ILE D 89 8.68 -5.33 -15.23
N ILE D 90 8.20 -6.22 -16.09
CA ILE D 90 6.84 -6.75 -15.95
C ILE D 90 6.80 -8.25 -15.66
N GLU D 91 7.95 -8.92 -15.74
CA GLU D 91 8.02 -10.33 -15.38
C GLU D 91 9.44 -10.75 -15.09
N VAL D 92 9.62 -11.50 -14.00
CA VAL D 92 10.92 -12.09 -13.68
C VAL D 92 10.77 -13.60 -13.67
N SER D 93 11.69 -14.30 -14.31
CA SER D 93 11.59 -15.76 -14.42
C SER D 93 12.97 -16.35 -14.32
N GLY D 94 13.03 -17.67 -14.18
CA GLY D 94 14.32 -18.33 -14.08
C GLY D 94 14.17 -19.78 -13.74
N HIS D 95 15.28 -20.38 -13.27
CA HIS D 95 15.29 -21.77 -12.86
C HIS D 95 16.02 -21.91 -11.54
N THR D 96 15.56 -22.83 -10.71
CA THR D 96 16.33 -23.25 -9.54
C THR D 96 16.68 -24.73 -9.66
N GLY D 97 17.80 -25.11 -9.07
CA GLY D 97 18.24 -26.48 -9.20
C GLY D 97 19.48 -26.70 -8.38
N LYS D 98 19.94 -27.94 -8.31
CA LYS D 98 21.07 -28.23 -7.46
C LYS D 98 22.39 -28.07 -8.21
N VAL D 99 23.35 -27.45 -7.53
CA VAL D 99 24.72 -27.34 -8.01
C VAL D 99 25.65 -27.69 -6.85
N SER D 100 26.48 -28.71 -7.04
CA SER D 100 27.33 -29.25 -5.96
C SER D 100 26.56 -29.51 -4.69
N GLY D 101 25.33 -30.00 -4.82
CA GLY D 101 24.52 -30.35 -3.68
C GLY D 101 23.70 -29.20 -3.11
N TYR D 102 23.94 -27.99 -3.61
CA TYR D 102 23.23 -26.80 -3.13
C TYR D 102 22.10 -26.37 -4.04
N VAL D 103 20.94 -26.10 -3.45
CA VAL D 103 19.84 -25.52 -4.23
C VAL D 103 20.13 -24.05 -4.48
N VAL D 104 20.20 -23.67 -5.76
CA VAL D 104 20.55 -22.31 -6.12
C VAL D 104 19.71 -21.80 -7.28
N VAL D 105 19.80 -20.50 -7.53
CA VAL D 105 19.14 -19.88 -8.68
C VAL D 105 20.06 -20.05 -9.86
N ARG D 106 19.68 -20.90 -10.81
CA ARG D 106 20.57 -21.24 -11.90
C ARG D 106 20.45 -20.31 -13.11
N SER D 107 19.29 -19.66 -13.25
CA SER D 107 19.11 -18.71 -14.34
C SER D 107 18.10 -17.63 -13.98
N LEU D 108 18.24 -16.48 -14.63
CA LEU D 108 17.33 -15.35 -14.48
C LEU D 108 17.03 -14.74 -15.84
N ALA D 109 15.79 -14.32 -16.01
CA ALA D 109 15.41 -13.51 -17.16
C ALA D 109 14.52 -12.39 -16.67
N PHE D 110 14.73 -11.21 -17.24
CA PHE D 110 13.94 -10.03 -16.89
C PHE D 110 13.21 -9.53 -18.12
N LYS D 111 11.88 -9.58 -18.08
CA LYS D 111 11.07 -9.06 -19.17
C LYS D 111 10.54 -7.69 -18.79
N THR D 112 10.75 -6.70 -19.66
CA THR D 112 10.19 -5.38 -19.43
C THR D 112 9.10 -5.12 -20.43
N ASN D 113 8.50 -3.94 -20.35
CA ASN D 113 7.50 -3.55 -21.33
C ASN D 113 8.13 -3.21 -22.69
N LYS D 114 9.45 -3.23 -22.77
CA LYS D 114 10.15 -2.95 -24.03
C LYS D 114 10.86 -4.17 -24.65
N LYS D 115 11.51 -4.98 -23.81
CA LYS D 115 12.40 -6.05 -24.28
C LYS D 115 12.51 -7.17 -23.24
N THR D 116 13.13 -8.29 -23.63
CA THR D 116 13.50 -9.32 -22.68
C THR D 116 15.01 -9.37 -22.54
N TYR D 117 15.48 -9.44 -21.30
CA TYR D 117 16.90 -9.57 -21.00
C TYR D 117 17.13 -10.97 -20.44
N GLY D 118 17.92 -11.76 -21.14
CA GLY D 118 18.20 -13.12 -20.71
C GLY D 118 17.46 -14.12 -21.59
N PRO D 119 17.39 -15.38 -21.15
CA PRO D 119 17.87 -15.91 -19.86
C PRO D 119 19.39 -15.94 -19.75
N TYR D 120 19.88 -15.71 -18.53
CA TYR D 120 21.31 -15.78 -18.22
C TYR D 120 21.55 -16.93 -17.28
N GLY D 121 22.53 -17.77 -17.58
CA GLY D 121 22.88 -18.87 -16.70
C GLY D 121 22.51 -20.22 -17.29
N VAL D 122 22.07 -21.14 -16.45
CA VAL D 122 21.67 -22.47 -16.89
C VAL D 122 20.15 -22.61 -16.83
N THR D 123 19.54 -22.92 -17.97
CA THR D 123 18.09 -22.98 -18.03
C THR D 123 17.61 -24.41 -17.83
N SER D 124 18.01 -25.02 -16.72
CA SER D 124 17.53 -26.35 -16.40
C SER D 124 17.19 -26.39 -14.92
N GLY D 125 16.30 -27.30 -14.56
CA GLY D 125 15.85 -27.40 -13.18
C GLY D 125 14.39 -27.01 -13.11
N THR D 126 13.97 -26.48 -11.97
CA THR D 126 12.57 -26.13 -11.79
C THR D 126 12.35 -24.69 -12.21
N PRO D 127 11.49 -24.47 -13.21
CA PRO D 127 11.22 -23.07 -13.57
C PRO D 127 10.39 -22.33 -12.53
N PHE D 128 10.57 -21.01 -12.46
CA PHE D 128 9.66 -20.15 -11.73
C PHE D 128 9.41 -18.92 -12.59
N ASN D 129 8.30 -18.24 -12.38
CA ASN D 129 8.08 -16.97 -13.06
C ASN D 129 7.11 -16.10 -12.27
N LEU D 130 7.40 -14.81 -12.25
CA LEU D 130 6.54 -13.85 -11.57
C LEU D 130 6.11 -12.76 -12.55
N PRO D 131 4.94 -12.91 -13.17
CA PRO D 131 4.42 -11.80 -13.97
C PRO D 131 3.76 -10.80 -13.05
N ILE D 132 3.90 -9.51 -13.36
CA ILE D 132 3.27 -8.48 -12.56
C ILE D 132 2.22 -7.82 -13.41
N GLU D 133 0.97 -8.02 -13.05
CA GLU D 133 -0.15 -7.44 -13.77
C GLU D 133 -0.37 -5.99 -13.37
N ASN D 134 -0.20 -5.68 -12.09
CA ASN D 134 -0.31 -4.31 -11.63
C ASN D 134 0.66 -4.13 -10.48
N GLY D 135 1.61 -3.23 -10.64
CA GLY D 135 2.59 -3.01 -9.59
C GLY D 135 4.00 -2.92 -10.13
N LEU D 136 4.95 -2.81 -9.23
CA LEU D 136 6.35 -2.61 -9.57
C LEU D 136 7.24 -3.38 -8.63
N ILE D 137 8.33 -3.93 -9.18
CA ILE D 137 9.43 -4.41 -8.36
C ILE D 137 10.28 -3.22 -7.93
N VAL D 138 10.56 -3.12 -6.63
CA VAL D 138 11.28 -1.96 -6.11
C VAL D 138 12.41 -2.36 -5.16
N GLY D 139 12.75 -3.64 -5.10
CA GLY D 139 13.82 -4.06 -4.22
C GLY D 139 14.11 -5.53 -4.30
N PHE D 140 15.34 -5.90 -3.96
CA PHE D 140 15.74 -7.30 -3.95
C PHE D 140 16.39 -7.66 -2.62
N LYS D 141 16.20 -8.90 -2.19
CA LYS D 141 16.94 -9.45 -1.07
C LYS D 141 17.23 -10.91 -1.42
N GLY D 142 18.16 -11.52 -0.72
CA GLY D 142 18.51 -12.90 -0.99
C GLY D 142 19.77 -13.32 -0.27
N SER D 143 20.50 -14.25 -0.87
CA SER D 143 21.75 -14.71 -0.28
C SER D 143 22.65 -15.20 -1.39
N ILE D 144 23.94 -14.95 -1.26
CA ILE D 144 24.92 -15.38 -2.24
C ILE D 144 26.11 -16.05 -1.54
N GLY D 145 26.41 -17.28 -1.94
CA GLY D 145 27.58 -17.99 -1.47
C GLY D 145 28.53 -18.17 -2.65
N TYR D 146 28.71 -19.41 -3.10
CA TYR D 146 29.34 -19.62 -4.39
C TYR D 146 28.42 -19.08 -5.49
N TRP D 147 27.11 -19.28 -5.30
CA TRP D 147 26.11 -18.84 -6.25
C TRP D 147 24.95 -18.17 -5.53
N LEU D 148 24.04 -17.56 -6.28
CA LEU D 148 22.84 -16.96 -5.72
C LEU D 148 21.98 -18.08 -5.13
N ASP D 149 21.90 -18.14 -3.81
CA ASP D 149 21.20 -19.22 -3.11
C ASP D 149 19.70 -19.08 -3.23
N TYR D 150 19.22 -17.86 -3.04
CA TYR D 150 17.80 -17.56 -3.17
C TYR D 150 17.61 -16.06 -3.32
N PHE D 151 16.42 -15.66 -3.72
CA PHE D 151 16.13 -14.24 -3.73
C PHE D 151 14.64 -13.99 -3.61
N SER D 152 14.31 -12.81 -3.12
CA SER D 152 12.94 -12.36 -3.02
C SER D 152 12.85 -10.96 -3.57
N MET D 153 11.63 -10.51 -3.84
CA MET D 153 11.41 -9.21 -4.43
C MET D 153 10.38 -8.39 -3.67
N TYR D 154 10.70 -7.11 -3.48
CA TYR D 154 9.78 -6.13 -2.91
C TYR D 154 8.84 -5.64 -4.00
N LEU D 155 7.53 -5.67 -3.73
CA LEU D 155 6.50 -5.23 -4.67
C LEU D 155 5.69 -4.05 -4.13
N SER D 156 5.41 -3.07 -4.99
CA SER D 156 4.55 -1.98 -4.57
C SER D 156 3.71 -1.47 -5.74
N LEU D 157 2.79 -0.55 -5.44
CA LEU D 157 2.07 0.19 -6.46
C LEU D 157 2.86 1.42 -6.91
#